data_3R3A
#
_entry.id   3R3A
#
_cell.length_a   112.600
_cell.length_b   112.600
_cell.length_c   60.000
_cell.angle_alpha   90.00
_cell.angle_beta   90.00
_cell.angle_gamma   120.00
#
_symmetry.space_group_name_H-M   'P 32 2 1'
#
loop_
_entity.id
_entity.type
_entity.pdbx_description
1 polymer '4-hydroxybenzoyl-CoA thioesterase'
2 non-polymer 'COENZYME A'
3 non-polymer 'P-HYDROXYBENZOIC ACID'
4 water water
#
_entity_poly.entity_id   1
_entity_poly.type   'polypeptide(L)'
_entity_poly.pdbx_seq_one_letter_code
;MHRTSNGSHATGGNLPDVASHYPVAYEQTLDGTVGFVIDEMTPERATASVEVTDTLRARWGLVHGGAYCALAEMLATEAT
VAVVHEKGMMAVGQSNHTSFFRPVKEGHVRAEAVRIHAGSTTWFWDVSLRDDAGRLCAVSSMSIAVRPRRD
;
_entity_poly.pdbx_strand_id   A,B
#
loop_
_chem_comp.id
_chem_comp.type
_chem_comp.name
_chem_comp.formula
COA non-polymer 'COENZYME A' 'C21 H36 N7 O16 P3 S'
PHB non-polymer 'P-HYDROXYBENZOIC ACID' 'C7 H6 O3'
#
# COMPACT_ATOMS: atom_id res chain seq x y z
N THR A 11 -10.96 -17.26 10.96
CA THR A 11 -11.60 -16.31 10.00
C THR A 11 -10.97 -16.44 8.61
N GLY A 12 -11.59 -15.82 7.60
CA GLY A 12 -10.90 -15.72 6.32
C GLY A 12 -9.69 -14.85 6.60
N GLY A 13 -8.55 -15.37 6.10
CA GLY A 13 -7.16 -14.88 6.21
C GLY A 13 -6.58 -15.06 7.60
N ASN A 14 -7.30 -15.81 8.44
CA ASN A 14 -7.09 -15.82 9.87
C ASN A 14 -7.10 -14.44 10.52
N LEU A 15 -7.80 -13.47 9.92
CA LEU A 15 -7.97 -12.19 10.59
C LEU A 15 -8.77 -12.37 11.89
N PRO A 16 -8.57 -11.47 12.86
CA PRO A 16 -9.16 -11.77 14.16
C PRO A 16 -10.67 -11.82 14.09
N ASP A 17 -11.23 -12.82 14.76
CA ASP A 17 -12.68 -12.89 14.62
C ASP A 17 -13.39 -12.22 15.79
N VAL A 18 -13.85 -11.00 15.56
CA VAL A 18 -14.28 -10.12 16.62
C VAL A 18 -15.71 -9.69 16.31
N ALA A 19 -16.28 -10.16 15.20
CA ALA A 19 -17.68 -9.87 14.92
C ALA A 19 -18.32 -11.08 14.26
N SER A 20 -19.65 -11.13 14.28
CA SER A 20 -20.37 -12.25 13.66
C SER A 20 -20.46 -12.11 12.15
N HIS A 21 -20.41 -10.88 11.64
CA HIS A 21 -20.38 -10.66 10.20
C HIS A 21 -19.52 -9.46 9.82
N TYR A 22 -19.02 -9.44 8.59
CA TYR A 22 -18.21 -8.31 8.09
C TYR A 22 -18.79 -7.82 6.78
N PRO A 23 -18.60 -6.52 6.47
CA PRO A 23 -19.12 -6.05 5.20
C PRO A 23 -18.60 -6.79 3.97
N VAL A 24 -17.34 -7.22 3.95
CA VAL A 24 -16.77 -7.82 2.73
C VAL A 24 -16.02 -9.08 3.09
N ALA A 25 -16.33 -10.14 2.37
CA ALA A 25 -15.73 -11.43 2.67
C ALA A 25 -14.26 -11.45 2.31
N TYR A 26 -13.48 -12.30 2.97
CA TYR A 26 -12.03 -12.26 2.86
C TYR A 26 -11.58 -12.39 1.39
N GLU A 27 -12.13 -13.39 0.71
CA GLU A 27 -11.68 -13.68 -0.64
C GLU A 27 -11.91 -12.53 -1.61
N GLN A 28 -12.86 -11.63 -1.31
CA GLN A 28 -13.13 -10.53 -2.22
C GLN A 28 -12.37 -9.22 -1.89
N THR A 29 -11.84 -9.14 -0.68
CA THR A 29 -11.13 -7.95 -0.24
C THR A 29 -9.75 -7.86 -0.90
N LEU A 30 -9.12 -6.69 -0.84
CA LEU A 30 -7.72 -6.62 -1.26
C LEU A 30 -6.88 -7.73 -0.64
N ASP A 31 -6.98 -7.89 0.68
CA ASP A 31 -6.10 -8.84 1.35
C ASP A 31 -6.24 -10.27 0.85
N GLY A 32 -7.49 -10.69 0.67
CA GLY A 32 -7.68 -12.04 0.11
C GLY A 32 -7.32 -12.17 -1.35
N THR A 33 -7.48 -11.10 -2.13
CA THR A 33 -7.06 -11.15 -3.52
C THR A 33 -5.55 -11.34 -3.64
N VAL A 34 -4.73 -10.69 -2.81
CA VAL A 34 -3.30 -10.77 -2.98
C VAL A 34 -2.76 -11.89 -2.11
N GLY A 35 -3.58 -12.41 -1.21
CA GLY A 35 -3.22 -13.59 -0.41
C GLY A 35 -2.60 -13.32 0.96
N PHE A 36 -2.90 -12.19 1.60
CA PHE A 36 -2.30 -12.01 2.92
C PHE A 36 -2.96 -12.95 3.93
N VAL A 37 -2.14 -13.53 4.80
CA VAL A 37 -2.61 -14.44 5.85
C VAL A 37 -1.94 -14.10 7.19
N ILE A 38 -2.73 -13.98 8.25
CA ILE A 38 -2.19 -13.74 9.59
C ILE A 38 -1.74 -15.05 10.23
N ASP A 39 -0.53 -15.09 10.78
CA ASP A 39 -0.08 -16.27 11.49
C ASP A 39 -0.30 -16.02 12.97
N GLU A 40 0.61 -15.32 13.65
CA GLU A 40 0.44 -15.10 15.08
C GLU A 40 -0.24 -13.79 15.40
N MET A 41 -1.00 -13.76 16.49
CA MET A 41 -1.67 -12.53 16.86
C MET A 41 -1.77 -12.41 18.38
N THR A 42 -1.11 -11.41 18.96
CA THR A 42 -1.24 -11.09 20.39
C THR A 42 -1.34 -9.57 20.57
N PRO A 43 -1.68 -9.13 21.79
CA PRO A 43 -1.90 -7.69 21.90
C PRO A 43 -0.65 -6.87 21.60
N GLU A 44 0.55 -7.42 21.81
CA GLU A 44 1.81 -6.74 21.52
C GLU A 44 2.61 -7.15 20.31
N ARG A 45 2.21 -8.21 19.62
CA ARG A 45 3.03 -8.66 18.52
C ARG A 45 2.13 -9.47 17.59
N ALA A 46 2.30 -9.32 16.27
CA ALA A 46 1.47 -10.05 15.31
C ALA A 46 2.32 -10.32 14.09
N THR A 47 2.05 -11.41 13.38
CA THR A 47 2.80 -11.76 12.19
C THR A 47 1.84 -12.15 11.07
N ALA A 48 2.26 -11.98 9.82
CA ALA A 48 1.44 -12.30 8.65
C ALA A 48 2.42 -12.57 7.52
N SER A 49 1.96 -13.23 6.46
CA SER A 49 2.87 -13.51 5.37
C SER A 49 2.05 -13.59 4.09
N VAL A 50 2.77 -13.62 2.98
CA VAL A 50 2.10 -13.70 1.71
C VAL A 50 3.05 -14.35 0.73
N GLU A 51 2.51 -15.22 -0.11
CA GLU A 51 3.28 -15.84 -1.18
C GLU A 51 3.35 -14.86 -2.33
N VAL A 52 4.56 -14.61 -2.81
CA VAL A 52 4.69 -13.70 -3.94
C VAL A 52 4.14 -14.38 -5.20
N THR A 53 3.26 -13.71 -5.95
CA THR A 53 2.80 -14.21 -7.26
C THR A 53 2.75 -12.90 -8.05
N ASP A 54 2.33 -12.92 -9.32
CA ASP A 54 2.29 -11.66 -10.07
C ASP A 54 1.36 -10.57 -9.52
N THR A 55 0.27 -11.01 -8.90
CA THR A 55 -0.73 -10.14 -8.28
C THR A 55 -0.09 -9.22 -7.21
N LEU A 56 1.06 -9.62 -6.70
CA LEU A 56 1.78 -8.84 -5.69
C LEU A 56 2.81 -7.93 -6.36
N ARG A 57 2.99 -8.02 -7.68
CA ARG A 57 4.17 -7.39 -8.31
C ARG A 57 3.75 -6.15 -9.08
N ALA A 58 4.72 -5.26 -9.30
CA ALA A 58 4.55 -4.19 -10.28
C ALA A 58 4.94 -4.79 -11.63
N ARG A 59 4.72 -4.03 -12.71
CA ARG A 59 5.05 -4.50 -14.08
C ARG A 59 6.55 -4.84 -14.22
N TRP A 60 7.41 -4.26 -13.38
CA TRP A 60 8.85 -4.47 -13.50
C TRP A 60 9.31 -5.73 -12.81
N GLY A 61 8.39 -6.43 -12.19
CA GLY A 61 8.69 -7.83 -11.83
C GLY A 61 9.03 -7.97 -10.35
N LEU A 62 9.21 -6.86 -9.65
CA LEU A 62 9.42 -6.99 -8.18
C LEU A 62 8.15 -6.80 -7.36
N VAL A 63 8.14 -7.31 -6.14
CA VAL A 63 7.04 -6.96 -5.24
C VAL A 63 6.79 -5.44 -5.23
N HIS A 64 5.53 -5.08 -5.43
CA HIS A 64 5.11 -3.68 -5.62
C HIS A 64 5.31 -2.95 -4.30
N GLY A 65 5.78 -1.72 -4.31
CA GLY A 65 6.00 -1.05 -3.03
C GLY A 65 4.69 -1.02 -2.25
N GLY A 66 3.55 -0.86 -2.92
CA GLY A 66 2.26 -0.79 -2.22
C GLY A 66 1.89 -2.10 -1.57
N ALA A 67 2.44 -3.22 -2.01
CA ALA A 67 2.15 -4.48 -1.33
C ALA A 67 2.73 -4.52 0.10
N TYR A 68 3.97 -4.07 0.27
CA TYR A 68 4.49 -4.01 1.64
C TYR A 68 3.63 -3.02 2.43
N CYS A 69 3.28 -1.86 1.87
CA CYS A 69 2.49 -0.87 2.60
C CYS A 69 1.20 -1.53 3.07
N ALA A 70 0.56 -2.36 2.22
CA ALA A 70 -0.78 -2.82 2.50
C ALA A 70 -0.70 -3.96 3.52
N LEU A 71 0.38 -4.71 3.47
CA LEU A 71 0.47 -5.87 4.40
C LEU A 71 0.70 -5.30 5.80
N ALA A 72 1.61 -4.34 5.91
CA ALA A 72 1.78 -3.58 7.14
C ALA A 72 0.51 -2.92 7.63
N GLU A 73 -0.23 -2.27 6.73
CA GLU A 73 -1.46 -1.57 7.11
C GLU A 73 -2.44 -2.56 7.73
N MET A 74 -2.69 -3.69 7.05
CA MET A 74 -3.70 -4.64 7.53
C MET A 74 -3.20 -5.27 8.86
N LEU A 75 -1.93 -5.65 8.92
CA LEU A 75 -1.47 -6.38 10.12
C LEU A 75 -1.53 -5.51 11.39
N ALA A 76 -1.08 -4.25 11.29
CA ALA A 76 -1.01 -3.32 12.43
C ALA A 76 -2.44 -2.93 12.78
N THR A 77 -3.26 -2.62 11.77
CA THR A 77 -4.63 -2.27 12.09
C THR A 77 -5.43 -3.40 12.73
N GLU A 78 -5.33 -4.57 12.12
CA GLU A 78 -6.08 -5.70 12.65
C GLU A 78 -5.57 -6.12 14.05
N ALA A 79 -4.27 -6.04 14.30
CA ALA A 79 -3.71 -6.41 15.60
C ALA A 79 -4.27 -5.45 16.65
N THR A 80 -4.59 -4.22 16.24
CA THR A 80 -5.27 -3.27 17.10
C THR A 80 -6.75 -3.64 17.31
N VAL A 81 -7.43 -3.88 16.20
CA VAL A 81 -8.81 -4.33 16.22
C VAL A 81 -8.92 -5.54 17.16
N ALA A 82 -7.98 -6.46 17.07
CA ALA A 82 -8.16 -7.65 17.89
C ALA A 82 -8.36 -7.27 19.36
N VAL A 83 -7.77 -6.17 19.81
CA VAL A 83 -7.83 -5.82 21.21
C VAL A 83 -8.98 -4.86 21.45
N VAL A 84 -9.12 -3.84 20.62
CA VAL A 84 -10.07 -2.79 20.96
C VAL A 84 -11.53 -3.01 20.55
N HIS A 85 -11.80 -3.93 19.63
CA HIS A 85 -13.16 -4.00 19.07
C HIS A 85 -14.21 -4.32 20.14
N GLU A 86 -13.87 -5.26 21.01
CA GLU A 86 -14.78 -5.71 22.05
C GLU A 86 -14.79 -4.67 23.16
N LYS A 87 -14.00 -3.60 23.04
CA LYS A 87 -14.15 -2.53 24.02
C LYS A 87 -14.97 -1.41 23.41
N GLY A 88 -15.65 -1.69 22.31
CA GLY A 88 -16.47 -0.68 21.65
C GLY A 88 -15.74 0.37 20.81
N MET A 89 -14.50 0.08 20.43
CA MET A 89 -13.69 1.05 19.67
C MET A 89 -13.54 0.58 18.22
N MET A 90 -13.29 1.51 17.31
CA MET A 90 -12.90 1.11 15.95
C MET A 90 -11.45 1.55 15.84
N ALA A 91 -10.69 0.89 14.97
CA ALA A 91 -9.28 1.19 14.70
C ALA A 91 -9.09 1.29 13.20
N VAL A 92 -8.46 2.35 12.71
CA VAL A 92 -8.19 2.51 11.29
C VAL A 92 -6.81 3.15 11.14
N GLY A 93 -6.13 2.82 10.05
CA GLY A 93 -4.80 3.37 9.85
C GLY A 93 -4.94 4.88 9.87
N GLN A 94 -4.01 5.59 10.51
CA GLN A 94 -3.97 7.05 10.36
C GLN A 94 -2.72 7.53 9.61
N SER A 95 -1.61 6.83 9.83
CA SER A 95 -0.39 7.13 9.07
C SER A 95 0.33 5.82 8.81
N ASN A 96 0.86 5.66 7.59
CA ASN A 96 1.62 4.47 7.23
C ASN A 96 2.86 5.01 6.52
N HIS A 97 3.99 4.85 7.19
CA HIS A 97 5.25 5.27 6.60
C HIS A 97 6.13 4.07 6.32
N THR A 98 6.24 3.69 5.05
CA THR A 98 6.96 2.46 4.69
C THR A 98 8.20 2.92 3.91
N SER A 99 9.31 2.32 4.33
CA SER A 99 10.61 2.55 3.71
C SER A 99 11.15 1.25 3.14
N PHE A 100 11.76 1.38 1.95
CA PHE A 100 12.09 0.20 1.14
C PHE A 100 13.61 0.02 1.10
N PHE A 101 14.16 -1.08 1.62
CA PHE A 101 15.61 -1.30 1.66
C PHE A 101 16.16 -2.25 0.58
N ARG A 102 15.40 -3.32 0.28
CA ARG A 102 15.84 -4.35 -0.65
C ARG A 102 14.60 -4.90 -1.35
N PRO A 103 14.67 -5.19 -2.65
CA PRO A 103 13.47 -5.70 -3.32
C PRO A 103 13.29 -7.19 -3.14
N VAL A 104 12.08 -7.66 -3.42
CA VAL A 104 11.78 -9.08 -3.33
C VAL A 104 11.26 -9.40 -4.75
N LYS A 105 11.86 -10.43 -5.35
CA LYS A 105 11.49 -10.88 -6.68
C LYS A 105 10.51 -12.02 -6.58
N GLU A 106 10.71 -12.93 -5.61
CA GLU A 106 9.84 -14.08 -5.51
C GLU A 106 9.95 -14.67 -4.10
N GLY A 107 9.17 -15.69 -3.83
CA GLY A 107 9.22 -16.41 -2.54
C GLY A 107 8.04 -15.96 -1.69
N HIS A 108 8.31 -15.46 -0.48
CA HIS A 108 7.29 -14.87 0.39
C HIS A 108 7.74 -13.50 0.90
N VAL A 109 6.79 -12.74 1.44
CA VAL A 109 7.12 -11.60 2.29
C VAL A 109 6.50 -11.92 3.63
N ARG A 110 7.33 -11.75 4.66
CA ARG A 110 6.92 -12.09 6.02
C ARG A 110 7.00 -10.83 6.88
N ALA A 111 5.90 -10.56 7.57
CA ALA A 111 5.77 -9.28 8.27
C ALA A 111 5.63 -9.55 9.76
N GLU A 112 6.37 -8.80 10.56
CA GLU A 112 6.15 -8.88 12.01
C GLU A 112 5.90 -7.46 12.50
N ALA A 113 4.77 -7.30 13.20
CA ALA A 113 4.38 -6.03 13.81
C ALA A 113 4.65 -6.12 15.31
N VAL A 114 5.43 -5.19 15.84
CA VAL A 114 5.73 -5.10 17.27
C VAL A 114 5.10 -3.81 17.83
N ARG A 115 4.24 -3.92 18.84
CA ARG A 115 3.55 -2.74 19.33
C ARG A 115 4.48 -1.88 20.15
N ILE A 116 4.59 -0.58 19.90
CA ILE A 116 5.52 0.16 20.76
C ILE A 116 4.83 1.24 21.58
N HIS A 117 3.60 1.57 21.24
CA HIS A 117 2.83 2.52 22.01
C HIS A 117 1.34 2.21 21.89
N ALA A 118 0.62 2.21 23.01
CA ALA A 118 -0.78 1.87 23.01
C ALA A 118 -1.48 3.01 23.75
N GLY A 119 -1.73 4.14 23.10
CA GLY A 119 -2.34 5.24 23.83
C GLY A 119 -3.84 5.15 23.78
N SER A 120 -4.56 6.14 24.31
CA SER A 120 -6.01 6.01 24.25
C SER A 120 -6.59 6.31 22.88
N THR A 121 -5.87 7.13 22.10
CA THR A 121 -6.40 7.55 20.80
C THR A 121 -5.55 7.02 19.64
N THR A 122 -4.33 6.55 19.91
CA THR A 122 -3.40 6.13 18.86
C THR A 122 -2.56 4.95 19.35
N TRP A 123 -2.45 3.88 18.57
CA TRP A 123 -1.48 2.83 18.84
C TRP A 123 -0.42 2.91 17.76
N PHE A 124 0.79 2.43 18.04
CA PHE A 124 1.87 2.58 17.07
C PHE A 124 2.55 1.24 17.04
N TRP A 125 2.78 0.77 15.81
CA TRP A 125 3.42 -0.53 15.61
C TRP A 125 4.60 -0.34 14.66
N ASP A 126 5.70 -1.05 14.93
CA ASP A 126 6.85 -1.10 14.02
C ASP A 126 6.69 -2.42 13.28
N VAL A 127 6.62 -2.32 11.96
CA VAL A 127 6.47 -3.52 11.13
C VAL A 127 7.77 -3.73 10.35
N SER A 128 8.31 -4.95 10.43
CA SER A 128 9.43 -5.37 9.60
C SER A 128 8.93 -6.37 8.55
N LEU A 129 9.39 -6.25 7.31
CA LEU A 129 8.93 -7.10 6.21
C LEU A 129 10.19 -7.77 5.66
N ARG A 130 10.25 -9.10 5.79
CA ARG A 130 11.45 -9.86 5.47
C ARG A 130 11.23 -10.82 4.28
N ASP A 131 12.29 -11.15 3.56
CA ASP A 131 12.21 -12.18 2.52
C ASP A 131 12.48 -13.57 3.12
N ASP A 132 12.50 -14.59 2.28
CA ASP A 132 12.61 -15.97 2.74
C ASP A 132 13.99 -16.24 3.30
N ALA A 133 14.98 -15.42 2.95
CA ALA A 133 16.30 -15.52 3.54
C ALA A 133 16.39 -14.81 4.89
N GLY A 134 15.30 -14.25 5.40
CA GLY A 134 15.39 -13.45 6.62
C GLY A 134 15.86 -12.01 6.52
N ARG A 135 16.20 -11.54 5.33
CA ARG A 135 16.73 -10.20 5.16
C ARG A 135 15.60 -9.18 5.30
N LEU A 136 15.95 -8.02 5.86
CA LEU A 136 14.97 -6.96 6.10
C LEU A 136 14.79 -6.22 4.77
N CYS A 137 13.63 -6.31 4.15
CA CYS A 137 13.44 -5.72 2.82
C CYS A 137 12.67 -4.42 2.90
N ALA A 138 11.82 -4.27 3.92
CA ALA A 138 11.10 -3.01 4.10
C ALA A 138 10.70 -2.88 5.58
N VAL A 139 10.44 -1.65 6.02
CA VAL A 139 9.83 -1.46 7.33
C VAL A 139 8.67 -0.50 7.20
N SER A 140 7.74 -0.61 8.14
CA SER A 140 6.65 0.36 8.12
C SER A 140 6.42 0.82 9.56
N SER A 141 6.35 2.15 9.71
CA SER A 141 5.83 2.72 10.95
C SER A 141 4.33 3.00 10.83
N MET A 142 3.56 2.29 11.66
CA MET A 142 2.11 2.26 11.47
C MET A 142 1.48 2.97 12.67
N SER A 143 0.81 4.09 12.42
CA SER A 143 0.13 4.76 13.51
C SER A 143 -1.35 4.49 13.25
N ILE A 144 -2.05 4.00 14.26
CA ILE A 144 -3.43 3.53 14.15
C ILE A 144 -4.31 4.37 15.07
N ALA A 145 -5.30 5.06 14.50
CA ALA A 145 -6.27 5.85 15.27
C ALA A 145 -7.25 4.90 15.92
N VAL A 146 -7.57 5.15 17.19
CA VAL A 146 -8.55 4.33 17.89
C VAL A 146 -9.64 5.31 18.36
N ARG A 147 -10.90 5.06 17.98
CA ARG A 147 -12.01 5.95 18.25
C ARG A 147 -13.26 5.15 18.71
N PRO A 148 -14.21 5.79 19.42
CA PRO A 148 -15.36 4.96 19.81
C PRO A 148 -16.14 4.58 18.55
N ARG A 149 -16.69 3.37 18.46
CA ARG A 149 -17.51 3.00 17.30
C ARG A 149 -18.75 3.88 17.15
N ARG A 150 -19.13 4.23 15.92
CA ARG A 150 -20.21 5.19 15.72
C ARG A 150 -21.60 4.57 15.84
N ASP A 151 -21.79 3.42 15.20
CA ASP A 151 -23.11 2.80 15.17
C ASP A 151 -23.21 1.70 16.21
N GLY B 12 -2.46 0.50 -21.28
CA GLY B 12 -1.96 -0.69 -20.48
C GLY B 12 -1.69 -0.26 -19.04
N GLY B 13 -2.88 -0.03 -18.42
CA GLY B 13 -3.23 1.00 -17.42
C GLY B 13 -2.84 2.40 -17.87
N ASN B 14 -2.45 2.50 -19.13
CA ASN B 14 -1.78 3.70 -19.60
C ASN B 14 -0.49 4.05 -18.86
N LEU B 15 0.24 3.06 -18.34
CA LEU B 15 1.58 3.33 -17.77
C LEU B 15 2.54 3.78 -18.88
N PRO B 16 3.58 4.56 -18.55
CA PRO B 16 4.46 5.13 -19.59
C PRO B 16 5.08 4.02 -20.43
N ASP B 17 5.01 4.15 -21.74
CA ASP B 17 5.50 3.11 -22.63
C ASP B 17 6.97 3.37 -22.88
N VAL B 18 7.84 2.78 -22.06
CA VAL B 18 9.23 3.16 -22.14
C VAL B 18 10.07 1.96 -22.57
N ALA B 19 9.47 0.78 -22.62
CA ALA B 19 10.30 -0.40 -22.88
C ALA B 19 9.51 -1.37 -23.76
N SER B 20 10.19 -2.19 -24.55
CA SER B 20 9.38 -3.03 -25.42
C SER B 20 8.85 -4.26 -24.70
N HIS B 21 9.48 -4.64 -23.60
CA HIS B 21 8.99 -5.80 -22.86
C HIS B 21 8.93 -5.44 -21.38
N TYR B 22 7.96 -5.97 -20.65
CA TYR B 22 7.94 -5.83 -19.20
C TYR B 22 7.78 -7.21 -18.61
N PRO B 23 8.36 -7.42 -17.42
CA PRO B 23 8.18 -8.74 -16.82
C PRO B 23 6.74 -9.16 -16.52
N VAL B 24 5.87 -8.26 -16.10
CA VAL B 24 4.54 -8.69 -15.69
C VAL B 24 3.53 -7.89 -16.49
N ALA B 25 2.59 -8.56 -17.16
CA ALA B 25 1.61 -7.82 -17.94
C ALA B 25 0.69 -7.03 -17.02
N TYR B 26 0.19 -5.91 -17.49
CA TYR B 26 -0.66 -5.07 -16.66
C TYR B 26 -1.77 -5.81 -15.91
N GLU B 27 -2.55 -6.59 -16.66
CA GLU B 27 -3.72 -7.25 -16.11
C GLU B 27 -3.29 -8.20 -14.97
N GLN B 28 -2.06 -8.66 -14.93
CA GLN B 28 -1.70 -9.59 -13.86
C GLN B 28 -1.00 -8.90 -12.68
N THR B 29 -0.58 -7.66 -12.87
CA THR B 29 0.08 -6.93 -11.77
C THR B 29 -0.89 -6.55 -10.66
N LEU B 30 -0.35 -6.09 -9.52
CA LEU B 30 -1.20 -5.58 -8.46
C LEU B 30 -2.04 -4.45 -9.06
N ASP B 31 -1.40 -3.60 -9.85
CA ASP B 31 -2.09 -2.41 -10.40
C ASP B 31 -3.29 -2.78 -11.26
N GLY B 32 -3.08 -3.76 -12.13
CA GLY B 32 -4.16 -4.20 -12.99
C GLY B 32 -5.22 -4.97 -12.24
N THR B 33 -4.81 -5.75 -11.25
CA THR B 33 -5.77 -6.47 -10.45
C THR B 33 -6.75 -5.51 -9.74
N VAL B 34 -6.29 -4.38 -9.19
CA VAL B 34 -7.21 -3.54 -8.43
C VAL B 34 -7.77 -2.50 -9.39
N GLY B 35 -7.15 -2.36 -10.54
CA GLY B 35 -7.70 -1.40 -11.54
C GLY B 35 -7.21 0.03 -11.59
N PHE B 36 -5.95 0.28 -11.24
CA PHE B 36 -5.38 1.63 -11.37
C PHE B 36 -5.15 2.07 -12.81
N VAL B 37 -5.49 3.29 -13.22
CA VAL B 37 -5.25 3.71 -14.60
C VAL B 37 -4.64 5.12 -14.58
N ILE B 38 -3.54 5.38 -15.30
CA ILE B 38 -2.96 6.71 -15.34
C ILE B 38 -3.76 7.58 -16.33
N ASP B 39 -4.12 8.81 -15.98
CA ASP B 39 -4.85 9.72 -16.86
C ASP B 39 -3.77 10.61 -17.49
N GLU B 40 -3.19 11.57 -16.77
CA GLU B 40 -2.26 12.53 -17.36
C GLU B 40 -0.87 12.22 -16.86
N MET B 41 0.16 12.42 -17.69
CA MET B 41 1.50 12.29 -17.18
C MET B 41 2.41 13.31 -17.85
N THR B 42 3.02 14.19 -17.06
CA THR B 42 4.07 15.10 -17.51
C THR B 42 5.24 14.96 -16.52
N PRO B 43 6.41 15.52 -16.87
CA PRO B 43 7.57 15.44 -16.01
C PRO B 43 7.27 16.00 -14.62
N GLU B 44 6.37 16.97 -14.50
CA GLU B 44 6.13 17.61 -13.22
C GLU B 44 4.81 17.28 -12.53
N ARG B 45 3.95 16.53 -13.19
CA ARG B 45 2.60 16.36 -12.66
C ARG B 45 1.96 15.16 -13.35
N ALA B 46 1.35 14.28 -12.57
CA ALA B 46 0.69 13.09 -13.11
C ALA B 46 -0.61 12.83 -12.33
N THR B 47 -1.57 12.18 -12.99
CA THR B 47 -2.82 11.83 -12.32
C THR B 47 -3.16 10.39 -12.66
N ALA B 48 -3.88 9.76 -11.74
CA ALA B 48 -4.34 8.36 -11.92
C ALA B 48 -5.63 8.20 -11.11
N SER B 49 -6.40 7.18 -11.47
CA SER B 49 -7.66 6.97 -10.77
C SER B 49 -8.01 5.49 -10.75
N VAL B 50 -8.99 5.15 -9.91
CA VAL B 50 -9.42 3.77 -9.77
C VAL B 50 -10.89 3.75 -9.37
N GLU B 51 -11.65 2.79 -9.91
CA GLU B 51 -13.03 2.60 -9.44
C GLU B 51 -12.95 1.84 -8.13
N VAL B 52 -13.74 2.25 -7.14
CA VAL B 52 -13.78 1.38 -5.95
C VAL B 52 -14.57 0.11 -6.21
N THR B 53 -14.00 -1.04 -5.89
CA THR B 53 -14.67 -2.33 -6.02
C THR B 53 -14.27 -2.99 -4.70
N ASP B 54 -14.82 -4.16 -4.41
CA ASP B 54 -14.39 -4.89 -3.23
C ASP B 54 -12.89 -5.21 -3.17
N THR B 55 -12.30 -5.36 -4.36
CA THR B 55 -10.88 -5.67 -4.49
C THR B 55 -10.02 -4.56 -3.88
N LEU B 56 -10.55 -3.34 -3.86
CA LEU B 56 -9.86 -2.19 -3.28
C LEU B 56 -10.16 -2.06 -1.80
N ARG B 57 -11.01 -2.93 -1.24
CA ARG B 57 -11.52 -2.69 0.12
C ARG B 57 -10.88 -3.64 1.15
N ALA B 58 -10.88 -3.21 2.41
CA ALA B 58 -10.67 -4.15 3.51
C ALA B 58 -12.00 -4.81 3.89
N ARG B 59 -11.99 -5.74 4.85
CA ARG B 59 -13.17 -6.50 5.20
C ARG B 59 -14.21 -5.62 5.83
N TRP B 60 -13.80 -4.45 6.30
CA TRP B 60 -14.76 -3.53 6.92
C TRP B 60 -15.51 -2.63 5.96
N GLY B 61 -15.26 -2.72 4.66
CA GLY B 61 -16.15 -2.12 3.68
C GLY B 61 -15.63 -0.79 3.15
N LEU B 62 -14.55 -0.27 3.73
CA LEU B 62 -13.98 0.99 3.27
C LEU B 62 -12.73 0.66 2.45
N VAL B 63 -12.37 1.57 1.56
CA VAL B 63 -11.13 1.37 0.81
C VAL B 63 -9.95 1.11 1.76
N HIS B 64 -9.18 0.06 1.47
CA HIS B 64 -8.03 -0.42 2.28
C HIS B 64 -7.03 0.75 2.31
N GLY B 65 -6.48 1.04 3.48
CA GLY B 65 -5.35 2.00 3.55
C GLY B 65 -4.25 1.67 2.55
N GLY B 66 -3.88 0.40 2.42
CA GLY B 66 -2.90 0.01 1.42
C GLY B 66 -3.20 0.41 -0.02
N ALA B 67 -4.47 0.57 -0.36
CA ALA B 67 -4.79 0.89 -1.73
C ALA B 67 -4.36 2.33 -2.01
N TYR B 68 -4.59 3.26 -1.09
CA TYR B 68 -4.09 4.63 -1.35
C TYR B 68 -2.57 4.61 -1.45
N CYS B 69 -1.91 3.86 -0.57
CA CYS B 69 -0.45 3.76 -0.55
C CYS B 69 0.00 3.28 -1.91
N ALA B 70 -0.64 2.23 -2.44
CA ALA B 70 -0.20 1.59 -3.69
C ALA B 70 -0.44 2.50 -4.91
N LEU B 71 -1.56 3.20 -4.87
CA LEU B 71 -1.89 4.15 -5.94
C LEU B 71 -0.81 5.24 -6.01
N ALA B 72 -0.54 5.85 -4.86
CA ALA B 72 0.55 6.82 -4.77
C ALA B 72 1.88 6.23 -5.18
N GLU B 73 2.21 5.02 -4.71
CA GLU B 73 3.48 4.39 -5.05
C GLU B 73 3.64 4.27 -6.59
N MET B 74 2.61 3.79 -7.30
CA MET B 74 2.76 3.48 -8.74
C MET B 74 2.83 4.82 -9.47
N LEU B 75 1.98 5.75 -9.05
CA LEU B 75 1.89 7.02 -9.82
C LEU B 75 3.19 7.82 -9.75
N ALA B 76 3.68 8.04 -8.52
CA ALA B 76 4.95 8.70 -8.32
C ALA B 76 6.09 7.95 -8.94
N THR B 77 6.20 6.63 -8.72
CA THR B 77 7.31 5.94 -9.35
C THR B 77 7.22 5.97 -10.88
N GLU B 78 6.06 5.67 -11.44
CA GLU B 78 6.00 5.60 -12.90
C GLU B 78 6.17 6.99 -13.51
N ALA B 79 5.79 8.05 -12.79
CA ALA B 79 5.93 9.40 -13.37
C ALA B 79 7.43 9.76 -13.41
N THR B 80 8.21 9.12 -12.54
CA THR B 80 9.68 9.28 -12.54
C THR B 80 10.28 8.45 -13.67
N VAL B 81 9.96 7.17 -13.70
CA VAL B 81 10.32 6.28 -14.83
C VAL B 81 10.09 6.98 -16.18
N ALA B 82 8.93 7.61 -16.32
CA ALA B 82 8.61 8.24 -17.63
C ALA B 82 9.75 9.17 -18.11
N VAL B 83 10.44 9.86 -17.19
CA VAL B 83 11.51 10.78 -17.56
C VAL B 83 12.88 10.11 -17.62
N VAL B 84 13.12 9.29 -16.60
CA VAL B 84 14.45 8.77 -16.40
C VAL B 84 14.83 7.48 -17.12
N HIS B 85 13.85 6.70 -17.57
CA HIS B 85 14.19 5.40 -18.11
C HIS B 85 15.04 5.61 -19.37
N GLU B 86 14.60 6.49 -20.25
CA GLU B 86 15.34 6.73 -21.49
C GLU B 86 16.74 7.27 -21.18
N LYS B 87 16.95 7.82 -20.00
CA LYS B 87 18.29 8.26 -19.66
C LYS B 87 19.14 7.20 -19.02
N GLY B 88 18.80 5.93 -19.16
CA GLY B 88 19.66 4.93 -18.52
C GLY B 88 19.42 4.64 -17.05
N MET B 89 18.40 5.25 -16.44
CA MET B 89 18.19 5.11 -15.01
C MET B 89 17.04 4.20 -14.65
N MET B 90 17.06 3.64 -13.45
CA MET B 90 15.87 2.95 -12.94
C MET B 90 15.36 3.80 -11.80
N ALA B 91 14.06 3.70 -11.54
CA ALA B 91 13.40 4.44 -10.48
C ALA B 91 12.60 3.42 -9.66
N VAL B 92 12.77 3.46 -8.33
CA VAL B 92 11.94 2.60 -7.48
C VAL B 92 11.55 3.38 -6.22
N GLY B 93 10.40 3.07 -5.62
CA GLY B 93 10.04 3.78 -4.39
C GLY B 93 11.11 3.54 -3.32
N GLN B 94 11.47 4.58 -2.58
CA GLN B 94 12.32 4.31 -1.43
C GLN B 94 11.65 4.67 -0.08
N SER B 95 10.72 5.61 -0.12
CA SER B 95 9.89 5.89 1.06
C SER B 95 8.52 6.30 0.56
N ASN B 96 7.51 5.83 1.28
CA ASN B 96 6.12 6.15 0.95
C ASN B 96 5.48 6.45 2.32
N HIS B 97 5.17 7.72 2.55
CA HIS B 97 4.46 8.05 3.78
C HIS B 97 3.06 8.55 3.50
N THR B 98 2.11 7.67 3.80
CA THR B 98 0.73 7.97 3.48
C THR B 98 -0.02 8.31 4.77
N SER B 99 -0.75 9.42 4.74
CA SER B 99 -1.57 9.78 5.90
C SER B 99 -3.05 9.85 5.51
N PHE B 100 -3.93 9.36 6.40
CA PHE B 100 -5.34 9.14 6.04
C PHE B 100 -6.24 10.11 6.79
N PHE B 101 -7.03 10.87 6.04
CA PHE B 101 -7.86 11.94 6.60
C PHE B 101 -9.34 11.63 6.62
N ARG B 102 -9.82 10.89 5.61
CA ARG B 102 -11.26 10.66 5.49
C ARG B 102 -11.40 9.36 4.70
N PRO B 103 -12.26 8.44 5.16
CA PRO B 103 -12.32 7.17 4.44
C PRO B 103 -13.16 7.31 3.16
N VAL B 104 -13.08 6.29 2.31
CA VAL B 104 -13.89 6.17 1.10
C VAL B 104 -14.58 4.83 1.17
N LYS B 105 -15.91 4.86 1.07
CA LYS B 105 -16.70 3.64 1.06
C LYS B 105 -16.96 3.18 -0.38
N GLU B 106 -17.20 4.07 -1.34
CA GLU B 106 -17.52 3.58 -2.68
C GLU B 106 -17.24 4.75 -3.63
N GLY B 107 -17.29 4.53 -4.94
CA GLY B 107 -17.12 5.62 -5.91
C GLY B 107 -15.77 5.42 -6.57
N HIS B 108 -14.88 6.41 -6.49
CA HIS B 108 -13.55 6.35 -7.07
C HIS B 108 -12.52 6.95 -6.10
N VAL B 109 -11.25 6.72 -6.39
CA VAL B 109 -10.19 7.45 -5.69
C VAL B 109 -9.39 8.09 -6.81
N ARG B 110 -9.17 9.40 -6.77
CA ARG B 110 -8.42 10.08 -7.83
C ARG B 110 -7.12 10.63 -7.23
N ALA B 111 -5.97 10.34 -7.84
CA ALA B 111 -4.70 10.77 -7.25
C ALA B 111 -4.03 11.78 -8.17
N GLU B 112 -3.40 12.80 -7.58
CA GLU B 112 -2.64 13.77 -8.37
C GLU B 112 -1.27 13.81 -7.69
N ALA B 113 -0.22 13.53 -8.45
CA ALA B 113 1.12 13.66 -7.92
C ALA B 113 1.75 14.92 -8.48
N VAL B 114 2.23 15.79 -7.60
CA VAL B 114 2.98 16.99 -8.01
C VAL B 114 4.45 16.84 -7.64
N ARG B 115 5.33 16.90 -8.64
CA ARG B 115 6.76 16.79 -8.38
C ARG B 115 7.26 18.01 -7.62
N ILE B 116 7.92 17.81 -6.48
CA ILE B 116 8.48 18.95 -5.76
C ILE B 116 10.01 19.06 -5.75
N HIS B 117 10.70 17.95 -6.00
CA HIS B 117 12.15 17.95 -6.13
C HIS B 117 12.57 16.86 -7.10
N ALA B 118 13.54 17.17 -7.97
CA ALA B 118 14.02 16.21 -8.96
C ALA B 118 15.55 16.20 -8.83
N GLY B 119 16.09 15.40 -7.92
CA GLY B 119 17.53 15.47 -7.70
C GLY B 119 18.22 14.35 -8.47
N SER B 120 19.55 14.30 -8.45
CA SER B 120 20.20 13.28 -9.28
C SER B 120 19.85 11.90 -8.77
N THR B 121 19.59 11.78 -7.48
CA THR B 121 19.48 10.42 -6.93
C THR B 121 18.12 10.16 -6.29
N THR B 122 17.40 11.25 -6.06
CA THR B 122 16.09 11.26 -5.40
C THR B 122 15.11 12.23 -6.00
N TRP B 123 13.92 11.75 -6.37
CA TRP B 123 12.83 12.61 -6.77
C TRP B 123 11.74 12.53 -5.71
N PHE B 124 11.03 13.63 -5.50
CA PHE B 124 9.99 13.63 -4.49
C PHE B 124 8.68 14.21 -5.03
N TRP B 125 7.61 13.51 -4.67
CA TRP B 125 6.29 13.81 -5.19
C TRP B 125 5.32 13.92 -4.02
N ASP B 126 4.56 15.01 -4.07
CA ASP B 126 3.40 15.13 -3.22
C ASP B 126 2.16 14.56 -3.93
N VAL B 127 1.56 13.54 -3.33
CA VAL B 127 0.39 12.91 -3.94
C VAL B 127 -0.83 13.19 -3.09
N SER B 128 -1.88 13.68 -3.75
CA SER B 128 -3.16 13.90 -3.09
C SER B 128 -4.21 12.91 -3.60
N LEU B 129 -4.98 12.31 -2.69
CA LEU B 129 -5.94 11.25 -3.03
C LEU B 129 -7.32 11.75 -2.65
N ARG B 130 -8.18 11.93 -3.66
CA ARG B 130 -9.49 12.59 -3.49
C ARG B 130 -10.65 11.66 -3.83
N ASP B 131 -11.75 11.82 -3.11
CA ASP B 131 -12.99 11.11 -3.43
C ASP B 131 -13.78 11.79 -4.56
N ASP B 132 -14.94 11.23 -4.92
CA ASP B 132 -15.76 11.75 -6.01
C ASP B 132 -16.34 13.13 -5.75
N ALA B 133 -16.47 13.50 -4.49
CA ALA B 133 -16.79 14.89 -4.14
C ALA B 133 -15.63 15.87 -4.19
N GLY B 134 -14.42 15.41 -4.50
CA GLY B 134 -13.24 16.27 -4.49
C GLY B 134 -12.59 16.46 -3.13
N ARG B 135 -13.09 15.75 -2.12
CA ARG B 135 -12.59 15.92 -0.76
C ARG B 135 -11.24 15.20 -0.60
N LEU B 136 -10.33 15.81 0.16
CA LEU B 136 -8.99 15.24 0.36
C LEU B 136 -9.08 14.07 1.34
N CYS B 137 -8.88 12.84 0.88
CA CYS B 137 -9.08 11.67 1.76
C CYS B 137 -7.75 11.15 2.28
N ALA B 138 -6.69 11.30 1.48
CA ALA B 138 -5.38 10.86 1.95
C ALA B 138 -4.29 11.62 1.21
N VAL B 139 -3.09 11.64 1.77
CA VAL B 139 -1.95 12.20 1.04
C VAL B 139 -0.78 11.26 1.17
N SER B 140 0.14 11.38 0.22
CA SER B 140 1.30 10.51 0.30
C SER B 140 2.53 11.32 -0.09
N SER B 141 3.56 11.24 0.75
CA SER B 141 4.83 11.88 0.40
C SER B 141 5.71 10.77 -0.16
N MET B 142 5.98 10.83 -1.46
CA MET B 142 6.66 9.77 -2.19
C MET B 142 8.07 10.23 -2.54
N SER B 143 9.01 9.43 -2.02
CA SER B 143 10.44 9.59 -2.25
C SER B 143 10.89 8.44 -3.15
N ILE B 144 11.45 8.78 -4.31
CA ILE B 144 11.77 7.82 -5.35
C ILE B 144 13.27 7.84 -5.61
N ALA B 145 13.89 6.67 -5.47
CA ALA B 145 15.33 6.55 -5.72
C ALA B 145 15.56 6.36 -7.20
N VAL B 146 16.55 7.11 -7.69
CA VAL B 146 16.94 7.07 -9.09
C VAL B 146 18.40 6.63 -9.15
N ARG B 147 18.68 5.50 -9.81
CA ARG B 147 19.99 4.85 -9.90
C ARG B 147 20.24 4.36 -11.33
N PRO B 148 21.52 4.24 -11.72
CA PRO B 148 21.86 3.74 -13.06
C PRO B 148 21.26 2.36 -13.23
N ARG B 149 20.69 2.06 -14.40
CA ARG B 149 20.17 0.72 -14.66
C ARG B 149 21.28 -0.31 -14.62
N ARG B 150 20.97 -1.52 -14.17
CA ARG B 150 21.98 -2.56 -14.03
C ARG B 150 22.07 -3.37 -15.31
N ASP B 151 23.27 -3.85 -15.62
CA ASP B 151 23.50 -4.65 -16.82
C ASP B 151 22.49 -5.78 -16.88
N1A COA C . -16.11 6.23 13.53
C2A COA C . -16.20 6.14 12.20
N3A COA C . -15.69 7.10 11.40
C4A COA C . -15.04 8.15 11.96
C5A COA C . -14.92 8.26 13.34
C6A COA C . -15.48 7.27 14.14
N6A COA C . -15.41 7.34 15.49
N7A COA C . -14.26 9.41 13.60
C8A COA C . -13.95 9.97 12.41
N9A COA C . -14.43 9.21 11.42
C1B COA C . -14.30 9.47 9.97
C2B COA C . -15.61 10.02 9.44
O2B COA C . -15.72 9.55 8.10
C3B COA C . -15.31 11.50 9.46
O3B COA C . -16.19 12.25 8.64
P3B COA C . -17.56 12.80 9.30
O7A COA C . -18.02 13.78 8.24
O8A COA C . -18.41 11.58 9.56
O9A COA C . -17.19 13.45 10.60
C4B COA C . -13.84 11.57 9.03
O4B COA C . -13.30 10.47 9.75
C5B COA C . -13.12 12.86 9.39
O5B COA C . -13.48 13.24 10.72
P1A COA C . -12.45 13.93 11.78
O1A COA C . -12.54 13.12 13.06
O2A COA C . -12.68 15.41 11.76
O3A COA C . -10.95 13.75 11.20
P2A COA C . -9.79 13.46 12.30
O4A COA C . -8.47 13.62 11.59
O5A COA C . -10.04 14.21 13.59
O6A COA C . -10.09 11.90 12.67
CBP COA C . -9.38 9.74 11.73
CCP COA C . -9.03 10.94 12.62
CDP COA C . -10.36 8.84 12.47
CEP COA C . -8.10 8.94 11.46
CAP COA C . -9.99 10.19 10.41
OAP COA C . -9.11 11.20 9.89
C9P COA C . -10.13 9.07 9.40
O9P COA C . -11.13 8.37 9.49
N8P COA C . -9.28 8.85 8.39
C7P COA C . -9.46 7.73 7.47
C6P COA C . -8.87 6.41 7.97
C5P COA C . -8.78 5.40 6.85
O5P COA C . -9.56 5.47 5.92
N4P COA C . -7.85 4.44 6.87
C3P COA C . -8.21 3.22 6.15
C2P COA C . -9.55 2.55 6.50
S1P COA C . -9.78 0.85 5.88
C1' PHB D . -7.00 -0.07 7.30
O1' PHB D . -6.54 0.28 6.19
O2' PHB D . -7.12 0.71 8.27
C1 PHB D . -7.40 -1.52 7.39
C2 PHB D . -6.89 -2.41 6.47
C3 PHB D . -7.21 -3.75 6.57
C4 PHB D . -8.08 -4.24 7.54
C5 PHB D . -8.57 -3.33 8.44
C6 PHB D . -8.25 -1.97 8.38
O4 PHB D . -8.41 -5.58 7.59
N1A COA E . 19.56 -1.49 -9.77
C2A COA E . 18.82 -2.51 -9.33
N3A COA E . 18.78 -2.83 -8.03
C4A COA E . 19.51 -2.10 -7.15
C5A COA E . 20.28 -1.02 -7.58
C6A COA E . 20.30 -0.72 -8.93
N6A COA E . 21.02 0.32 -9.41
N7A COA E . 20.86 -0.50 -6.49
C8A COA E . 20.50 -1.23 -5.41
N9A COA E . 19.65 -2.18 -5.83
C1B COA E . 18.98 -3.20 -4.98
C2B COA E . 19.77 -4.49 -5.10
O2B COA E . 18.74 -5.46 -4.88
C3B COA E . 20.70 -4.32 -3.91
O3B COA E . 21.24 -5.53 -3.42
P3B COA E . 22.61 -6.12 -4.03
O7A COA E . 23.55 -4.94 -4.03
O8A COA E . 22.93 -7.18 -3.01
O9A COA E . 22.25 -6.57 -5.42
C4B COA E . 19.80 -3.75 -2.83
O4B COA E . 19.09 -2.80 -3.63
C5B COA E . 20.60 -3.00 -1.76
O5B COA E . 21.56 -2.18 -2.43
P1A COA E . 22.08 -0.78 -1.80
O1A COA E . 22.32 0.26 -2.89
O2A COA E . 23.11 -1.06 -0.74
O3A COA E . 20.84 -0.15 -0.97
P2A COA E . 20.68 1.46 -0.90
O4A COA E . 19.85 1.70 0.34
O5A COA E . 21.97 2.25 -1.10
O6A COA E . 19.90 1.65 -2.32
CBP COA E . 17.58 1.45 -3.10
CCP COA E . 18.62 2.26 -2.35
CDP COA E . 17.86 1.31 -4.59
CEP COA E . 16.28 2.20 -2.81
CAP COA E . 17.55 0.02 -2.56
OAP COA E . 17.40 0.22 -1.15
C9P COA E . 16.30 -0.69 -3.00
O9P COA E . 16.30 -1.27 -4.07
N8P COA E . 15.20 -0.71 -2.23
C7P COA E . 13.99 -1.36 -2.73
C6P COA E . 13.07 -0.51 -3.63
C5P COA E . 11.76 -1.23 -3.93
O5P COA E . 11.71 -2.46 -3.96
N4P COA E . 10.65 -0.53 -4.15
C3P COA E . 9.54 -1.13 -4.90
C2P COA E . 9.89 -1.88 -6.19
S1P COA E . 8.43 -2.41 -7.20
C1' PHB F . 7.30 0.70 -6.94
O1' PHB F . 6.77 0.20 -5.92
O2' PHB F . 8.45 1.21 -6.88
C1 PHB F . 6.55 0.63 -8.23
C2 PHB F . 5.19 0.35 -8.24
C3 PHB F . 4.53 0.30 -9.46
C4 PHB F . 5.18 0.50 -10.68
C5 PHB F . 6.55 0.76 -10.65
C6 PHB F . 7.22 0.82 -9.44
O4 PHB F . 4.52 0.42 -11.88
#